data_4X5W
#
_entry.id   4X5W
#
_cell.length_a   73.775
_cell.length_b   90.851
_cell.length_c   138.793
_cell.angle_alpha   90.000
_cell.angle_beta   90.000
_cell.angle_gamma   90.000
#
_symmetry.space_group_name_H-M   'C 2 2 21'
#
loop_
_entity.id
_entity.type
_entity.pdbx_description
1 polymer 'HLA class II histocompatibility antigen, DR alpha chain'
2 polymer 'HLA class II histocompatibility antigen, DRB1-1 beta chain'
3 polymer 'HLA class II histocompatibility antigen gamma chain'
4 water water
#
loop_
_entity_poly.entity_id
_entity_poly.type
_entity_poly.pdbx_seq_one_letter_code
_entity_poly.pdbx_strand_id
1 'polypeptide(L)'
;MIKEEHVIIQAEFYLNPDQSGEFMFDFDGDEIFHVDMAKKETVWRLEEFGRFASFEAQGALANIAVDKANLEIMTKRSNY
TPITNVPPEVTVLTNSPVELREPNVLICFIDKFTPPVVNVTWLRNGKPVTTGVSETVFLPREDHLFRKFHYLPFLPSTED
VYDCRVEHWGLDEPLLKHWEFDAPSPLPETTEN
;
A
2 'polypeptide(L)'
;MGDTRPRFLWQLKFECHFFNGTERVRLLERCIYNQEESVRFDSDVGEYRAVTELGRPDAEYWNSQKDLLEQRRAAVDTYC
RHNYGVGESFTVQRRVEPKVTVYPSKTQPLQHHNLLVCSVSGFYPGSIEVRWFRNGQEEKAGVVSTGLIQNGDWTFQTLV
MLETVPRSGEVYTCQVEHPSVTSPLTVEWRARSESAQSK
;
B
3 'polypeptide(L)' KPVSKWRMATPLLMQALPM C
#
# COMPACT_ATOMS: atom_id res chain seq x y z
N MET A 1 -13.22 9.22 -13.80
CA MET A 1 -12.22 9.17 -12.75
C MET A 1 -12.76 8.61 -11.41
N ILE A 2 -14.00 8.96 -11.05
CA ILE A 2 -14.58 8.48 -9.80
C ILE A 2 -14.58 6.93 -9.74
N LYS A 3 -14.17 6.39 -8.59
CA LYS A 3 -13.94 4.96 -8.48
C LYS A 3 -15.17 4.14 -8.64
N GLU A 4 -15.04 3.13 -9.47
CA GLU A 4 -16.12 2.23 -9.77
C GLU A 4 -16.19 1.03 -8.80
N GLU A 5 -15.12 0.77 -8.06
CA GLU A 5 -15.14 -0.35 -7.10
C GLU A 5 -14.19 0.01 -5.98
N HIS A 6 -14.35 -0.65 -4.85
CA HIS A 6 -13.47 -0.48 -3.71
C HIS A 6 -13.24 -1.88 -3.14
N VAL A 7 -12.10 -2.06 -2.52
CA VAL A 7 -11.81 -3.31 -1.82
C VAL A 7 -11.25 -3.00 -0.44
N ILE A 8 -11.82 -3.67 0.58
CA ILE A 8 -11.31 -3.59 1.95
C ILE A 8 -10.75 -4.97 2.26
N ILE A 9 -9.48 -5.02 2.67
CA ILE A 9 -8.85 -6.32 3.01
C ILE A 9 -8.37 -6.32 4.43
N GLN A 10 -8.78 -7.33 5.20
CA GLN A 10 -8.18 -7.65 6.50
C GLN A 10 -7.04 -8.60 6.24
N ALA A 11 -5.81 -8.15 6.43
CA ALA A 11 -4.62 -8.96 6.11
C ALA A 11 -3.87 -9.28 7.40
N GLU A 12 -3.60 -10.56 7.66
CA GLU A 12 -2.87 -11.00 8.85
C GLU A 12 -1.77 -11.93 8.41
N PHE A 13 -0.73 -12.08 9.25
CA PHE A 13 0.22 -13.14 8.96
C PHE A 13 0.92 -13.55 10.23
N TYR A 14 1.51 -14.74 10.22
CA TYR A 14 2.43 -15.17 11.26
C TYR A 14 3.62 -15.80 10.54
N LEU A 15 4.82 -15.55 11.05
CA LEU A 15 6.09 -15.99 10.44
C LEU A 15 6.94 -16.69 11.48
N ASN A 16 7.36 -17.94 11.19
CA ASN A 16 8.32 -18.67 12.02
C ASN A 16 9.64 -18.75 11.21
N PRO A 17 10.79 -18.81 11.89
CA PRO A 17 10.98 -18.90 13.36
C PRO A 17 10.99 -17.53 14.02
N ASP A 18 10.78 -16.47 13.24
CA ASP A 18 10.89 -15.11 13.75
C ASP A 18 9.90 -14.83 14.87
N GLN A 19 8.77 -15.53 14.84
CA GLN A 19 7.62 -15.26 15.75
C GLN A 19 7.20 -13.81 15.58
N SER A 20 6.98 -13.43 14.32
CA SER A 20 6.46 -12.11 14.03
C SER A 20 5.08 -12.28 13.43
N GLY A 21 4.19 -11.34 13.67
CA GLY A 21 2.83 -11.43 13.15
C GLY A 21 2.26 -10.04 13.14
N GLU A 22 1.39 -9.78 12.18
CA GLU A 22 0.76 -8.47 12.04
C GLU A 22 -0.70 -8.65 11.66
N PHE A 23 -1.45 -7.56 11.86
CA PHE A 23 -2.89 -7.53 11.65
C PHE A 23 -3.25 -6.12 11.18
N MET A 24 -3.80 -5.99 9.97
CA MET A 24 -4.09 -4.65 9.44
C MET A 24 -5.30 -4.72 8.53
N PHE A 25 -5.89 -3.54 8.27
CA PHE A 25 -6.87 -3.41 7.23
C PHE A 25 -6.34 -2.47 6.15
N ASP A 26 -6.63 -2.80 4.90
CA ASP A 26 -6.20 -2.09 3.69
C ASP A 26 -7.45 -1.65 2.91
N PHE A 27 -7.50 -0.38 2.52
CA PHE A 27 -8.54 0.17 1.64
C PHE A 27 -7.88 0.61 0.34
N ASP A 28 -8.13 -0.07 -0.76
CA ASP A 28 -7.57 0.30 -2.06
C ASP A 28 -6.04 0.59 -1.96
N GLY A 29 -5.28 -0.20 -1.18
CA GLY A 29 -3.85 -0.09 -1.16
C GLY A 29 -3.31 0.76 -0.02
N ASP A 30 -4.17 1.46 0.72
CA ASP A 30 -3.73 2.28 1.88
C ASP A 30 -4.15 1.61 3.19
N GLU A 31 -3.26 1.65 4.16
CA GLU A 31 -3.52 1.07 5.46
C GLU A 31 -4.56 1.91 6.21
N ILE A 32 -5.68 1.29 6.64
CA ILE A 32 -6.66 2.01 7.47
C ILE A 32 -6.13 2.07 8.90
N PHE A 33 -5.72 0.91 9.40
CA PHE A 33 -5.15 0.79 10.76
C PHE A 33 -4.45 -0.57 10.88
N HIS A 34 -3.66 -0.70 11.94
CA HIS A 34 -3.13 -1.99 12.33
C HIS A 34 -3.29 -2.16 13.82
N VAL A 35 -3.12 -3.38 14.33
CA VAL A 35 -3.05 -3.58 15.77
C VAL A 35 -1.59 -3.85 16.13
N ASP A 36 -1.06 -3.03 17.02
CA ASP A 36 0.30 -3.23 17.52
C ASP A 36 0.18 -4.35 18.58
N MET A 37 0.72 -5.52 18.27
CA MET A 37 0.59 -6.70 19.12
C MET A 37 1.20 -6.51 20.49
N ALA A 38 2.32 -5.80 20.54
CA ALA A 38 3.05 -5.65 21.79
C ALA A 38 2.40 -4.63 22.71
N LYS A 39 1.84 -3.59 22.11
CA LYS A 39 1.13 -2.58 22.87
C LYS A 39 -0.33 -2.94 23.10
N LYS A 40 -0.82 -3.95 22.36
CA LYS A 40 -2.24 -4.32 22.37
C LYS A 40 -3.08 -3.09 22.09
N GLU A 41 -2.71 -2.38 21.03
CA GLU A 41 -3.32 -1.09 20.73
C GLU A 41 -3.65 -0.98 19.25
N THR A 42 -4.83 -0.47 18.96
CA THR A 42 -5.25 -0.14 17.61
C THR A 42 -4.57 1.15 17.21
N VAL A 43 -3.87 1.17 16.06
CA VAL A 43 -3.13 2.34 15.60
C VAL A 43 -3.68 2.77 14.25
N TRP A 44 -4.44 3.87 14.24
CA TRP A 44 -5.06 4.35 13.01
C TRP A 44 -4.00 5.03 12.14
N ARG A 45 -4.05 4.82 10.84
CA ARG A 45 -2.93 5.29 9.97
C ARG A 45 -2.86 6.81 9.95
N LEU A 46 -4.03 7.45 9.91
CA LEU A 46 -4.14 8.90 10.15
C LEU A 46 -4.89 9.02 11.45
N GLU A 47 -4.39 9.81 12.38
CA GLU A 47 -5.00 9.76 13.71
C GLU A 47 -6.48 10.20 13.65
N GLU A 48 -6.86 11.06 12.72
N GLU A 48 -6.83 11.07 12.70
CA GLU A 48 -8.25 11.49 12.61
CA GLU A 48 -8.19 11.52 12.52
C GLU A 48 -9.24 10.35 12.31
C GLU A 48 -9.21 10.38 12.28
N PHE A 49 -8.77 9.24 11.74
CA PHE A 49 -9.70 8.14 11.48
C PHE A 49 -10.31 7.63 12.78
N GLY A 50 -9.56 7.71 13.88
CA GLY A 50 -10.03 7.20 15.16
C GLY A 50 -11.10 8.07 15.81
N ARG A 51 -11.35 9.27 15.26
CA ARG A 51 -12.46 10.11 15.69
C ARG A 51 -13.77 9.57 15.17
N PHE A 52 -13.70 8.71 14.17
CA PHE A 52 -14.87 8.20 13.44
C PHE A 52 -15.14 6.73 13.66
N ALA A 53 -14.17 6.00 14.25
CA ALA A 53 -14.32 4.55 14.36
C ALA A 53 -13.44 4.08 15.50
N SER A 54 -13.79 2.91 16.05
CA SER A 54 -12.93 2.25 17.05
C SER A 54 -12.76 0.78 16.68
N PHE A 55 -11.72 0.15 17.18
CA PHE A 55 -11.53 -1.29 16.97
C PHE A 55 -10.94 -1.88 18.24
N GLU A 56 -11.53 -2.99 18.70
N GLU A 56 -11.55 -2.97 18.73
CA GLU A 56 -11.10 -3.65 19.90
CA GLU A 56 -11.09 -3.64 19.95
C GLU A 56 -9.84 -4.49 19.60
C GLU A 56 -9.85 -4.48 19.61
N ALA A 57 -8.69 -4.00 20.04
CA ALA A 57 -7.42 -4.62 19.68
C ALA A 57 -7.29 -6.10 20.09
N GLN A 58 -7.94 -6.53 21.18
CA GLN A 58 -7.83 -7.91 21.65
C GLN A 58 -8.23 -8.92 20.57
N GLY A 59 -9.17 -8.56 19.69
CA GLY A 59 -9.60 -9.52 18.69
C GLY A 59 -8.46 -9.88 17.75
N ALA A 60 -7.56 -8.95 17.48
CA ALA A 60 -6.44 -9.26 16.58
C ALA A 60 -5.48 -10.24 17.23
N LEU A 61 -5.26 -10.12 18.55
CA LEU A 61 -4.37 -11.06 19.24
C LEU A 61 -4.95 -12.46 19.15
N ALA A 62 -6.26 -12.61 19.30
CA ALA A 62 -6.91 -13.91 19.22
C ALA A 62 -6.72 -14.49 17.83
N ASN A 63 -6.91 -13.66 16.80
CA ASN A 63 -6.72 -14.15 15.45
C ASN A 63 -5.29 -14.61 15.22
N ILE A 64 -4.33 -13.86 15.72
CA ILE A 64 -2.92 -14.20 15.45
C ILE A 64 -2.57 -15.52 16.15
N ALA A 65 -3.20 -15.83 17.29
CA ALA A 65 -2.98 -17.16 17.89
C ALA A 65 -3.51 -18.29 17.02
N VAL A 66 -4.65 -18.08 16.36
CA VAL A 66 -5.16 -19.08 15.41
C VAL A 66 -4.21 -19.20 14.24
N ASP A 67 -3.75 -18.04 13.69
CA ASP A 67 -2.83 -18.08 12.56
C ASP A 67 -1.53 -18.81 12.94
N LYS A 68 -0.99 -18.59 14.15
CA LYS A 68 0.20 -19.30 14.52
C LYS A 68 -0.05 -20.81 14.63
N ALA A 69 -1.17 -21.19 15.25
CA ALA A 69 -1.47 -22.61 15.42
C ALA A 69 -1.54 -23.27 14.06
N ASN A 70 -2.19 -22.62 13.10
CA ASN A 70 -2.34 -23.17 11.77
C ASN A 70 -1.02 -23.18 11.02
N LEU A 71 -0.20 -22.17 11.20
CA LEU A 71 1.12 -22.21 10.60
C LEU A 71 1.89 -23.45 11.07
N GLU A 72 1.81 -23.76 12.36
CA GLU A 72 2.56 -24.93 12.85
C GLU A 72 2.10 -26.19 12.13
N ILE A 73 0.78 -26.35 11.98
CA ILE A 73 0.22 -27.50 11.28
C ILE A 73 0.60 -27.55 9.80
N MET A 74 0.52 -26.42 9.10
CA MET A 74 0.90 -26.37 7.68
C MET A 74 2.37 -26.65 7.48
N THR A 75 3.18 -26.18 8.40
CA THR A 75 4.61 -26.41 8.28
C THR A 75 4.90 -27.92 8.24
N LYS A 76 4.32 -28.66 9.18
N LYS A 76 4.30 -28.65 9.19
CA LYS A 76 4.55 -30.10 9.18
CA LYS A 76 4.49 -30.10 9.27
C LYS A 76 3.82 -30.78 8.02
C LYS A 76 3.77 -30.85 8.14
N ARG A 77 2.62 -30.34 7.69
CA ARG A 77 1.87 -30.96 6.61
C ARG A 77 2.65 -30.89 5.30
N SER A 78 3.39 -29.78 5.11
CA SER A 78 4.22 -29.60 3.92
C SER A 78 5.56 -30.31 4.00
N ASN A 79 5.79 -31.10 5.04
N ASN A 79 5.79 -31.08 5.06
CA ASN A 79 7.09 -31.70 5.30
CA ASN A 79 7.09 -31.69 5.33
C ASN A 79 8.21 -30.65 5.40
C ASN A 79 8.22 -30.67 5.43
N TYR A 80 7.92 -29.58 6.14
CA TYR A 80 8.89 -28.53 6.45
C TYR A 80 9.45 -27.91 5.15
N THR A 81 8.58 -27.67 4.19
CA THR A 81 8.99 -26.93 3.00
C THR A 81 9.03 -25.48 3.30
N PRO A 82 10.20 -24.82 3.12
CA PRO A 82 10.31 -23.40 3.52
C PRO A 82 9.93 -22.48 2.38
N ILE A 83 9.69 -21.22 2.74
CA ILE A 83 9.34 -20.21 1.73
C ILE A 83 10.53 -19.95 0.82
N THR A 84 10.23 -19.67 -0.46
CA THR A 84 11.24 -19.18 -1.42
C THR A 84 11.35 -17.65 -1.23
N ASN A 85 12.55 -17.13 -0.96
CA ASN A 85 12.73 -15.68 -0.84
C ASN A 85 12.48 -15.01 -2.19
N VAL A 86 11.78 -13.89 -2.14
CA VAL A 86 11.58 -13.06 -3.32
C VAL A 86 12.09 -11.68 -2.93
N PRO A 87 13.17 -11.20 -3.58
CA PRO A 87 13.78 -9.93 -3.16
C PRO A 87 12.97 -8.72 -3.58
N PRO A 88 13.10 -7.62 -2.84
CA PRO A 88 12.34 -6.42 -3.11
C PRO A 88 12.88 -5.58 -4.25
N GLU A 89 11.95 -4.82 -4.83
N GLU A 89 11.99 -4.80 -4.86
CA GLU A 89 12.23 -3.63 -5.59
CA GLU A 89 12.45 -3.66 -5.63
C GLU A 89 12.27 -2.46 -4.64
C GLU A 89 12.16 -2.40 -4.86
N VAL A 90 13.06 -1.43 -4.96
CA VAL A 90 13.11 -0.27 -4.08
C VAL A 90 13.10 1.01 -4.88
N THR A 91 12.34 1.99 -4.40
CA THR A 91 12.28 3.30 -5.04
C THR A 91 12.39 4.36 -3.97
N VAL A 92 13.10 5.46 -4.24
N VAL A 92 13.15 5.43 -4.22
CA VAL A 92 13.19 6.57 -3.31
CA VAL A 92 13.19 6.52 -3.27
C VAL A 92 12.66 7.85 -3.97
C VAL A 92 12.73 7.78 -3.98
N LEU A 93 11.72 8.50 -3.30
N LEU A 93 11.92 8.57 -3.28
CA LEU A 93 11.10 9.74 -3.82
CA LEU A 93 11.32 9.79 -3.84
C LEU A 93 10.96 10.72 -2.67
C LEU A 93 11.03 10.73 -2.69
N THR A 94 10.76 12.00 -2.98
CA THR A 94 10.36 12.92 -1.93
C THR A 94 8.86 13.02 -1.96
N ASN A 95 8.31 13.41 -0.83
CA ASN A 95 6.88 13.60 -0.79
C ASN A 95 6.41 14.82 -1.67
N SER A 96 7.19 15.89 -1.69
CA SER A 96 6.86 17.16 -2.39
C SER A 96 8.03 17.59 -3.21
N PRO A 97 7.82 18.49 -4.17
CA PRO A 97 8.97 19.05 -4.87
C PRO A 97 9.88 19.73 -3.86
N VAL A 98 11.18 19.63 -4.03
CA VAL A 98 12.01 20.05 -2.91
C VAL A 98 12.27 21.55 -3.01
N GLU A 99 12.29 22.21 -1.85
CA GLU A 99 12.73 23.60 -1.76
C GLU A 99 13.82 23.66 -0.70
N LEU A 100 14.92 24.36 -0.99
CA LEU A 100 16.01 24.43 -0.03
C LEU A 100 15.60 24.88 1.39
N ARG A 101 16.05 24.09 2.38
CA ARG A 101 15.81 24.29 3.82
C ARG A 101 14.33 24.18 4.27
N GLU A 102 13.44 23.75 3.40
CA GLU A 102 12.03 23.62 3.78
C GLU A 102 11.77 22.19 4.07
N PRO A 103 11.40 21.89 5.32
CA PRO A 103 11.22 20.48 5.72
C PRO A 103 10.43 19.69 4.64
N ASN A 104 10.99 18.53 4.32
CA ASN A 104 10.39 17.60 3.35
C ASN A 104 10.60 16.19 3.91
N VAL A 105 10.21 15.17 3.15
CA VAL A 105 10.30 13.78 3.61
C VAL A 105 10.76 12.90 2.47
N LEU A 106 11.81 12.10 2.71
CA LEU A 106 12.24 11.08 1.78
C LEU A 106 11.41 9.82 2.04
N ILE A 107 10.89 9.23 0.98
CA ILE A 107 10.11 8.00 1.06
C ILE A 107 10.90 6.88 0.44
N CYS A 108 11.07 5.78 1.16
CA CYS A 108 11.68 4.59 0.61
C CYS A 108 10.62 3.53 0.49
N PHE A 109 10.24 3.22 -0.74
CA PHE A 109 9.13 2.31 -1.01
C PHE A 109 9.76 0.96 -1.39
N ILE A 110 9.46 -0.06 -0.59
CA ILE A 110 10.03 -1.38 -0.76
C ILE A 110 8.87 -2.28 -1.20
N ASP A 111 9.04 -3.01 -2.30
CA ASP A 111 7.87 -3.63 -2.94
C ASP A 111 8.21 -5.02 -3.46
N LYS A 112 7.17 -5.84 -3.60
N LYS A 112 7.18 -5.86 -3.58
CA LYS A 112 7.25 -7.13 -4.29
CA LYS A 112 7.26 -7.14 -4.29
C LYS A 112 8.27 -8.06 -3.62
C LYS A 112 8.21 -8.12 -3.64
N PHE A 113 8.13 -8.26 -2.32
CA PHE A 113 9.07 -9.17 -1.62
C PHE A 113 8.34 -10.09 -0.64
N THR A 114 9.03 -11.14 -0.27
CA THR A 114 8.59 -12.06 0.80
C THR A 114 9.80 -12.88 1.19
N PRO A 115 9.91 -13.35 2.44
CA PRO A 115 9.01 -13.14 3.60
C PRO A 115 9.09 -11.69 4.09
N PRO A 116 8.18 -11.32 5.00
CA PRO A 116 8.07 -9.91 5.48
C PRO A 116 9.06 -9.62 6.58
N VAL A 117 10.35 -9.61 6.20
CA VAL A 117 11.45 -9.20 7.09
C VAL A 117 12.40 -8.46 6.20
N VAL A 118 12.62 -7.18 6.54
N VAL A 118 12.70 -7.20 6.54
CA VAL A 118 13.63 -6.37 5.87
CA VAL A 118 13.57 -6.39 5.69
C VAL A 118 14.44 -5.65 6.90
C VAL A 118 14.28 -5.35 6.57
N ASN A 119 15.62 -5.28 6.49
CA ASN A 119 16.42 -4.39 7.31
C ASN A 119 16.77 -3.12 6.52
N VAL A 120 16.19 -2.00 6.91
CA VAL A 120 16.27 -0.77 6.18
C VAL A 120 17.02 0.28 6.98
N THR A 121 17.99 0.94 6.37
N THR A 121 18.00 0.91 6.34
CA THR A 121 18.66 2.03 7.06
CA THR A 121 18.86 1.92 6.93
C THR A 121 18.89 3.17 6.10
C THR A 121 18.77 3.17 6.06
N TRP A 122 18.79 4.35 6.64
CA TRP A 122 18.99 5.57 5.86
C TRP A 122 20.41 6.06 6.03
N LEU A 123 21.02 6.53 4.95
CA LEU A 123 22.37 7.13 5.00
C LEU A 123 22.32 8.58 4.52
N ARG A 124 23.05 9.45 5.22
N ARG A 124 23.06 9.45 5.21
CA ARG A 124 23.23 10.86 4.84
CA ARG A 124 23.23 10.85 4.83
C ARG A 124 24.73 11.08 4.63
C ARG A 124 24.72 11.07 4.62
N ASN A 125 25.11 11.42 3.40
CA ASN A 125 26.55 11.57 3.05
C ASN A 125 27.32 10.32 3.46
N GLY A 126 26.70 9.15 3.25
CA GLY A 126 27.35 7.86 3.49
C GLY A 126 27.22 7.33 4.93
N LYS A 127 26.62 8.08 5.86
CA LYS A 127 26.58 7.71 7.27
C LYS A 127 25.16 7.42 7.75
N PRO A 128 24.93 6.35 8.52
CA PRO A 128 23.57 6.10 8.98
C PRO A 128 22.98 7.20 9.81
N VAL A 129 21.72 7.47 9.56
CA VAL A 129 20.93 8.45 10.29
C VAL A 129 19.59 7.86 10.68
N THR A 130 19.08 8.31 11.82
CA THR A 130 17.85 7.77 12.37
C THR A 130 16.92 8.85 12.88
N THR A 131 17.34 10.10 12.95
CA THR A 131 16.47 11.09 13.58
C THR A 131 15.15 11.19 12.86
N GLY A 132 14.05 11.01 13.61
CA GLY A 132 12.71 11.20 13.10
C GLY A 132 12.18 10.19 12.12
N VAL A 133 12.87 9.06 11.93
CA VAL A 133 12.39 8.10 10.94
C VAL A 133 11.09 7.41 11.40
N SER A 134 10.33 6.94 10.44
CA SER A 134 9.14 6.17 10.69
C SER A 134 8.93 5.17 9.58
N GLU A 135 8.02 4.23 9.79
CA GLU A 135 7.77 3.19 8.79
C GLU A 135 6.37 2.67 8.94
N THR A 136 5.88 2.01 7.89
CA THR A 136 4.58 1.37 7.92
C THR A 136 4.67 -0.08 8.37
N VAL A 137 3.53 -0.75 8.52
CA VAL A 137 3.55 -2.20 8.62
C VAL A 137 3.81 -2.81 7.23
N PHE A 138 3.79 -4.14 7.15
CA PHE A 138 3.90 -4.82 5.86
C PHE A 138 2.54 -4.91 5.17
N LEU A 139 2.38 -4.17 4.09
N LEU A 139 2.38 -4.17 4.08
CA LEU A 139 1.09 -4.05 3.41
CA LEU A 139 1.08 -4.06 3.39
C LEU A 139 0.92 -5.16 2.37
C LEU A 139 0.92 -5.15 2.34
N PRO A 140 -0.32 -5.58 2.09
CA PRO A 140 -0.56 -6.72 1.19
C PRO A 140 -0.48 -6.36 -0.28
N ARG A 141 -0.37 -7.37 -1.10
CA ARG A 141 -0.41 -7.32 -2.57
C ARG A 141 -1.21 -8.44 -3.11
N GLU A 142 -1.78 -8.26 -4.30
N GLU A 142 -1.79 -8.25 -4.30
CA GLU A 142 -2.57 -9.32 -4.93
CA GLU A 142 -2.60 -9.28 -4.96
C GLU A 142 -1.81 -10.58 -5.19
C GLU A 142 -1.84 -10.56 -5.25
N ASP A 143 -0.50 -10.47 -5.41
CA ASP A 143 0.32 -11.69 -5.66
C ASP A 143 0.85 -12.29 -4.35
N HIS A 144 0.40 -11.73 -3.22
CA HIS A 144 0.71 -12.20 -1.84
C HIS A 144 2.14 -11.86 -1.43
N LEU A 145 2.87 -11.09 -2.25
CA LEU A 145 4.08 -10.42 -1.78
C LEU A 145 3.67 -9.25 -0.87
N PHE A 146 4.67 -8.51 -0.37
CA PHE A 146 4.46 -7.38 0.54
C PHE A 146 4.96 -6.08 -0.04
N ARG A 147 4.49 -4.99 0.57
CA ARG A 147 4.98 -3.64 0.41
C ARG A 147 5.30 -3.03 1.75
N LYS A 148 6.20 -2.06 1.82
CA LYS A 148 6.50 -1.39 3.06
C LYS A 148 7.05 0.00 2.70
N PHE A 149 6.73 1.01 3.50
CA PHE A 149 7.29 2.34 3.34
C PHE A 149 8.11 2.72 4.55
N HIS A 150 9.25 3.37 4.29
CA HIS A 150 10.08 4.01 5.32
C HIS A 150 10.19 5.48 4.99
N TYR A 151 10.20 6.30 6.02
CA TYR A 151 10.20 7.78 5.83
C TYR A 151 11.35 8.44 6.59
N LEU A 152 11.95 9.48 5.99
CA LEU A 152 13.01 10.23 6.65
C LEU A 152 12.77 11.72 6.47
N PRO A 153 12.45 12.44 7.56
CA PRO A 153 12.32 13.91 7.44
C PRO A 153 13.69 14.51 7.19
N PHE A 154 13.75 15.58 6.40
CA PHE A 154 15.02 16.23 6.16
C PHE A 154 14.82 17.65 5.70
N LEU A 155 15.90 18.43 5.76
CA LEU A 155 15.96 19.78 5.21
C LEU A 155 16.74 19.71 3.90
N PRO A 156 16.07 19.89 2.75
CA PRO A 156 16.82 19.75 1.47
C PRO A 156 18.02 20.66 1.34
N SER A 157 19.06 20.13 0.73
CA SER A 157 20.34 20.78 0.59
C SER A 157 20.88 20.50 -0.79
N THR A 158 21.66 21.43 -1.31
CA THR A 158 22.40 21.19 -2.57
C THR A 158 23.59 20.25 -2.36
N GLU A 159 23.99 20.03 -1.11
CA GLU A 159 25.24 19.32 -0.81
C GLU A 159 25.00 17.93 -0.26
N ASP A 160 23.98 17.73 0.55
CA ASP A 160 23.75 16.44 1.22
C ASP A 160 23.11 15.46 0.29
N VAL A 161 23.58 14.21 0.29
N VAL A 161 23.61 14.22 0.27
CA VAL A 161 23.04 13.13 -0.56
CA VAL A 161 22.98 13.17 -0.52
C VAL A 161 22.63 11.92 0.29
C VAL A 161 22.51 12.06 0.40
N TYR A 162 21.48 11.34 -0.01
CA TYR A 162 20.89 10.32 0.87
C TYR A 162 20.82 9.00 0.15
N ASP A 163 20.85 7.92 0.90
CA ASP A 163 20.54 6.59 0.37
C ASP A 163 19.56 5.91 1.27
N CYS A 164 18.69 5.12 0.68
CA CYS A 164 17.97 4.08 1.42
C CYS A 164 18.70 2.77 1.18
N ARG A 165 19.12 2.12 2.27
CA ARG A 165 19.84 0.84 2.18
C ARG A 165 18.87 -0.28 2.58
N VAL A 166 18.70 -1.29 1.74
CA VAL A 166 17.70 -2.34 1.98
C VAL A 166 18.40 -3.69 1.94
N GLU A 167 18.15 -4.48 2.98
N GLU A 167 18.19 -4.45 3.02
CA GLU A 167 18.72 -5.80 3.09
CA GLU A 167 18.69 -5.81 3.15
C GLU A 167 17.59 -6.82 3.27
C GLU A 167 17.52 -6.78 3.19
N HIS A 168 17.65 -7.89 2.48
CA HIS A 168 16.62 -8.92 2.48
C HIS A 168 17.26 -10.25 2.12
N TRP A 169 16.76 -11.37 2.65
CA TRP A 169 17.40 -12.66 2.38
C TRP A 169 17.40 -13.05 0.91
N GLY A 170 16.47 -12.52 0.12
CA GLY A 170 16.46 -12.84 -1.31
C GLY A 170 17.44 -12.05 -2.14
N LEU A 171 18.09 -11.03 -1.56
CA LEU A 171 19.07 -10.24 -2.30
C LEU A 171 20.44 -10.89 -2.20
N ASP A 172 21.16 -10.87 -3.29
CA ASP A 172 22.55 -11.33 -3.18
C ASP A 172 23.46 -10.35 -2.43
N GLU A 173 23.16 -9.07 -2.54
CA GLU A 173 23.90 -7.99 -1.92
C GLU A 173 22.90 -7.00 -1.38
N PRO A 174 23.27 -6.25 -0.37
CA PRO A 174 22.40 -5.15 0.05
C PRO A 174 22.25 -4.16 -1.09
N LEU A 175 21.10 -3.52 -1.18
CA LEU A 175 20.81 -2.53 -2.22
C LEU A 175 20.85 -1.12 -1.65
N LEU A 176 21.32 -0.19 -2.46
CA LEU A 176 21.23 1.25 -2.16
C LEU A 176 20.38 1.92 -3.23
N LYS A 177 19.50 2.81 -2.82
CA LYS A 177 18.83 3.68 -3.77
C LYS A 177 19.12 5.11 -3.31
N HIS A 178 19.74 5.91 -4.18
N HIS A 178 19.67 5.90 -4.23
CA HIS A 178 20.12 7.26 -3.74
CA HIS A 178 20.30 7.21 -3.95
C HIS A 178 19.08 8.32 -4.06
C HIS A 178 19.34 8.39 -4.29
N TRP A 179 19.35 9.48 -3.49
CA TRP A 179 18.60 10.68 -3.83
C TRP A 179 19.51 11.86 -3.61
N GLU A 180 19.50 12.80 -4.57
CA GLU A 180 20.16 14.06 -4.34
C GLU A 180 19.32 15.20 -4.92
N PHE A 181 19.62 16.43 -4.53
CA PHE A 181 18.89 17.59 -4.99
C PHE A 181 19.16 17.77 -6.48
N ASP B 3 21.81 -14.93 8.83
CA ASP B 3 20.65 -15.76 9.23
C ASP B 3 20.03 -16.49 8.05
N THR B 4 20.35 -17.77 7.94
CA THR B 4 19.87 -18.49 6.78
C THR B 4 18.86 -19.52 7.22
N ARG B 5 18.34 -19.41 8.43
CA ARG B 5 17.33 -20.39 8.87
C ARG B 5 16.13 -20.38 7.91
N PRO B 6 15.53 -21.54 7.65
CA PRO B 6 14.35 -21.57 6.79
C PRO B 6 13.18 -20.86 7.43
N ARG B 7 12.38 -20.20 6.60
CA ARG B 7 11.16 -19.52 7.10
C ARG B 7 9.90 -20.19 6.64
N PHE B 8 8.86 -20.07 7.48
CA PHE B 8 7.55 -20.64 7.17
C PHE B 8 6.52 -19.55 7.44
N LEU B 9 5.71 -19.24 6.43
CA LEU B 9 4.82 -18.06 6.48
C LEU B 9 3.39 -18.50 6.28
N TRP B 10 2.47 -17.94 7.08
CA TRP B 10 1.03 -18.15 6.89
C TRP B 10 0.40 -16.79 6.78
N GLN B 11 -0.34 -16.55 5.72
CA GLN B 11 -1.07 -15.29 5.49
C GLN B 11 -2.54 -15.60 5.42
N LEU B 12 -3.35 -14.76 6.05
N LEU B 12 -3.35 -14.73 6.01
CA LEU B 12 -4.83 -14.83 5.96
CA LEU B 12 -4.81 -14.83 5.96
C LEU B 12 -5.28 -13.50 5.32
C LEU B 12 -5.36 -13.51 5.40
N LYS B 13 -6.25 -13.58 4.42
CA LYS B 13 -6.86 -12.35 3.90
C LYS B 13 -8.37 -12.50 3.88
N PHE B 14 -9.10 -11.50 4.38
CA PHE B 14 -10.54 -11.41 4.12
C PHE B 14 -10.72 -10.23 3.24
N GLU B 15 -11.17 -10.47 2.02
CA GLU B 15 -11.34 -9.42 1.01
C GLU B 15 -12.81 -9.12 0.82
N CYS B 16 -13.19 -7.85 1.03
CA CYS B 16 -14.56 -7.39 0.76
C CYS B 16 -14.50 -6.56 -0.51
N HIS B 17 -15.13 -7.06 -1.58
CA HIS B 17 -15.14 -6.35 -2.86
C HIS B 17 -16.47 -5.66 -3.06
N PHE B 18 -16.45 -4.36 -3.27
CA PHE B 18 -17.67 -3.55 -3.39
C PHE B 18 -17.81 -3.00 -4.81
N PHE B 19 -18.98 -3.15 -5.41
N PHE B 19 -18.97 -3.19 -5.44
CA PHE B 19 -19.27 -2.53 -6.71
CA PHE B 19 -19.29 -2.57 -6.74
C PHE B 19 -20.59 -1.80 -6.60
C PHE B 19 -20.56 -1.75 -6.52
N ASN B 20 -20.64 -0.55 -7.10
CA ASN B 20 -21.89 0.26 -7.04
C ASN B 20 -22.29 0.51 -5.56
N GLY B 21 -21.37 1.08 -4.80
CA GLY B 21 -21.58 1.27 -3.38
C GLY B 21 -21.56 -0.09 -2.70
N THR B 22 -22.59 -0.35 -1.91
CA THR B 22 -22.73 -1.66 -1.29
C THR B 22 -23.82 -2.46 -1.98
N GLU B 23 -24.20 -2.05 -3.19
CA GLU B 23 -25.15 -2.84 -3.97
C GLU B 23 -24.66 -4.28 -4.21
N ARG B 24 -23.42 -4.42 -4.62
CA ARG B 24 -22.81 -5.72 -4.93
C ARG B 24 -21.61 -5.89 -4.04
N VAL B 25 -21.65 -6.95 -3.25
CA VAL B 25 -20.57 -7.20 -2.29
C VAL B 25 -20.17 -8.66 -2.35
N ARG B 26 -18.89 -8.92 -2.52
CA ARG B 26 -18.34 -10.27 -2.56
C ARG B 26 -17.28 -10.41 -1.46
N LEU B 27 -17.33 -11.50 -0.71
CA LEU B 27 -16.38 -11.78 0.36
C LEU B 27 -15.53 -12.99 -0.02
N LEU B 28 -14.21 -12.80 0.07
N LEU B 28 -14.22 -12.85 0.08
CA LEU B 28 -13.22 -13.86 -0.05
CA LEU B 28 -13.35 -14.01 -0.04
C LEU B 28 -12.52 -14.05 1.29
C LEU B 28 -12.37 -14.11 1.12
N GLU B 29 -12.34 -15.29 1.72
CA GLU B 29 -11.42 -15.62 2.80
C GLU B 29 -10.35 -16.48 2.14
N ARG B 30 -9.11 -16.03 2.18
CA ARG B 30 -8.01 -16.70 1.48
C ARG B 30 -6.90 -17.05 2.42
N CYS B 31 -6.46 -18.30 2.32
CA CYS B 31 -5.47 -18.87 3.26
C CYS B 31 -4.25 -19.22 2.44
N ILE B 32 -3.09 -18.72 2.84
CA ILE B 32 -1.92 -18.73 1.95
C ILE B 32 -0.67 -19.19 2.72
N TYR B 33 -0.04 -20.28 2.27
CA TYR B 33 1.13 -20.81 2.95
C TYR B 33 2.33 -20.61 2.04
N ASN B 34 3.37 -19.98 2.56
CA ASN B 34 4.60 -19.74 1.79
C ASN B 34 4.25 -19.13 0.43
N GLN B 35 3.36 -18.12 0.42
CA GLN B 35 2.98 -17.34 -0.77
C GLN B 35 2.00 -18.05 -1.69
N GLU B 36 1.63 -19.30 -1.40
N GLU B 36 1.61 -19.29 -1.41
CA GLU B 36 0.71 -20.05 -2.26
CA GLU B 36 0.71 -20.00 -2.31
C GLU B 36 -0.62 -20.23 -1.57
C GLU B 36 -0.62 -20.31 -1.63
N GLU B 37 -1.68 -19.75 -2.18
CA GLU B 37 -3.05 -19.97 -1.62
C GLU B 37 -3.39 -21.44 -1.66
N SER B 38 -3.84 -21.94 -0.52
CA SER B 38 -4.17 -23.37 -0.40
C SER B 38 -5.68 -23.64 -0.32
N VAL B 39 -6.44 -22.71 0.28
CA VAL B 39 -7.89 -22.94 0.52
C VAL B 39 -8.56 -21.58 0.60
N ARG B 40 -9.81 -21.51 0.14
N ARG B 40 -9.79 -21.51 0.12
CA ARG B 40 -10.52 -20.24 -0.05
CA ARG B 40 -10.54 -20.27 0.21
C ARG B 40 -12.02 -20.36 0.15
C ARG B 40 -11.99 -20.49 0.41
N PHE B 41 -12.63 -19.45 0.92
CA PHE B 41 -14.09 -19.29 0.91
C PHE B 41 -14.39 -18.11 -0.03
N ASP B 42 -15.33 -18.32 -0.93
CA ASP B 42 -15.82 -17.27 -1.83
C ASP B 42 -17.34 -17.19 -1.64
N SER B 43 -17.86 -16.01 -1.33
CA SER B 43 -19.31 -15.91 -1.13
C SER B 43 -20.10 -16.26 -2.39
N ASP B 44 -19.47 -16.21 -3.57
CA ASP B 44 -20.17 -16.63 -4.78
C ASP B 44 -20.47 -18.14 -4.72
N VAL B 45 -19.61 -18.94 -4.08
CA VAL B 45 -19.70 -20.40 -3.97
C VAL B 45 -20.46 -20.81 -2.70
N GLY B 46 -20.20 -20.10 -1.60
CA GLY B 46 -20.86 -20.35 -0.34
C GLY B 46 -20.27 -21.45 0.51
N GLU B 47 -19.10 -21.93 0.13
CA GLU B 47 -18.42 -22.96 0.94
C GLU B 47 -16.92 -22.86 0.62
N TYR B 48 -16.09 -23.51 1.45
CA TYR B 48 -14.66 -23.57 1.22
C TYR B 48 -14.37 -24.47 0.06
N ARG B 49 -13.33 -24.12 -0.68
CA ARG B 49 -12.81 -24.98 -1.74
C ARG B 49 -11.29 -25.03 -1.70
N ALA B 50 -10.71 -26.20 -1.86
CA ALA B 50 -9.26 -26.27 -1.93
C ALA B 50 -8.76 -25.61 -3.21
N VAL B 51 -7.65 -24.90 -3.08
CA VAL B 51 -6.99 -24.29 -4.22
C VAL B 51 -5.81 -25.15 -4.64
N THR B 52 -5.15 -25.74 -3.66
CA THR B 52 -4.11 -26.74 -3.93
C THR B 52 -4.39 -28.00 -3.13
N GLU B 53 -3.69 -29.07 -3.43
CA GLU B 53 -3.90 -30.31 -2.66
C GLU B 53 -3.61 -30.14 -1.18
N LEU B 54 -2.66 -29.27 -0.85
CA LEU B 54 -2.34 -28.99 0.56
C LEU B 54 -3.53 -28.44 1.33
N GLY B 55 -4.47 -27.80 0.66
CA GLY B 55 -5.62 -27.27 1.39
C GLY B 55 -6.86 -28.14 1.44
N ARG B 56 -6.82 -29.30 0.76
CA ARG B 56 -8.02 -30.16 0.77
C ARG B 56 -8.55 -30.52 2.17
N PRO B 57 -7.66 -30.90 3.11
CA PRO B 57 -8.12 -31.29 4.44
C PRO B 57 -8.92 -30.18 5.09
N ASP B 58 -8.49 -28.93 4.91
CA ASP B 58 -9.11 -27.81 5.57
C ASP B 58 -10.47 -27.52 4.96
N ALA B 59 -10.57 -27.56 3.64
CA ALA B 59 -11.89 -27.25 3.01
C ALA B 59 -12.92 -28.27 3.56
N GLU B 60 -12.52 -29.53 3.64
CA GLU B 60 -13.44 -30.58 4.11
C GLU B 60 -13.87 -30.31 5.56
N TYR B 61 -12.87 -30.06 6.41
CA TYR B 61 -13.11 -29.93 7.84
C TYR B 61 -13.96 -28.68 8.11
N TRP B 62 -13.60 -27.57 7.47
CA TRP B 62 -14.33 -26.36 7.74
C TRP B 62 -15.75 -26.39 7.14
N ASN B 63 -15.92 -27.05 5.99
CA ASN B 63 -17.27 -27.16 5.43
C ASN B 63 -18.22 -27.94 6.35
N SER B 64 -17.68 -28.79 7.22
CA SER B 64 -18.51 -29.62 8.10
C SER B 64 -19.07 -28.82 9.28
N GLN B 65 -18.58 -27.61 9.49
CA GLN B 65 -19.01 -26.79 10.64
C GLN B 65 -20.11 -25.85 10.16
N LYS B 66 -21.34 -26.35 10.21
CA LYS B 66 -22.41 -25.73 9.46
C LYS B 66 -22.82 -24.38 10.01
N ASP B 67 -22.83 -24.20 11.32
CA ASP B 67 -23.28 -22.90 11.87
C ASP B 67 -22.28 -21.81 11.54
N LEU B 68 -21.00 -22.11 11.65
CA LEU B 68 -19.98 -21.13 11.34
C LEU B 68 -20.02 -20.79 9.85
N LEU B 69 -20.29 -21.79 9.02
CA LEU B 69 -20.41 -21.58 7.58
C LEU B 69 -21.60 -20.65 7.24
N GLU B 70 -22.72 -20.86 7.93
CA GLU B 70 -23.85 -19.92 7.83
C GLU B 70 -23.46 -18.49 8.18
N GLN B 71 -22.72 -18.31 9.27
N GLN B 71 -22.69 -18.36 9.26
CA GLN B 71 -22.30 -16.97 9.64
CA GLN B 71 -22.13 -17.08 9.68
C GLN B 71 -21.32 -16.37 8.62
C GLN B 71 -21.22 -16.47 8.59
N ARG B 72 -20.47 -17.20 8.05
N ARG B 72 -20.35 -17.28 8.00
CA ARG B 72 -19.56 -16.70 7.00
CA ARG B 72 -19.52 -16.79 6.88
C ARG B 72 -20.32 -16.30 5.72
C ARG B 72 -20.37 -16.26 5.74
N ARG B 73 -21.40 -17.02 5.37
CA ARG B 73 -22.26 -16.59 4.27
C ARG B 73 -23.01 -15.28 4.60
N ALA B 74 -23.26 -15.02 5.89
CA ALA B 74 -23.89 -13.76 6.27
C ALA B 74 -22.92 -12.58 6.35
N ALA B 75 -21.61 -12.87 6.31
CA ALA B 75 -20.61 -11.86 6.59
C ALA B 75 -20.53 -10.82 5.50
N VAL B 76 -21.09 -11.06 4.32
CA VAL B 76 -21.18 -9.96 3.32
C VAL B 76 -21.97 -8.79 3.94
N ASP B 77 -22.94 -9.09 4.80
CA ASP B 77 -23.74 -8.07 5.49
C ASP B 77 -23.13 -7.66 6.82
N THR B 78 -22.83 -8.63 7.67
CA THR B 78 -22.46 -8.32 9.05
C THR B 78 -21.02 -7.82 9.20
N TYR B 79 -20.22 -8.02 8.17
CA TYR B 79 -18.79 -7.66 8.17
C TYR B 79 -18.49 -6.69 7.03
N CYS B 80 -18.67 -7.07 5.79
CA CYS B 80 -18.29 -6.20 4.67
C CYS B 80 -19.15 -4.93 4.62
N ARG B 81 -20.48 -5.08 4.50
CA ARG B 81 -21.34 -3.88 4.42
C ARG B 81 -21.20 -3.06 5.70
N HIS B 82 -21.10 -3.72 6.84
CA HIS B 82 -20.96 -2.96 8.08
C HIS B 82 -19.73 -2.06 8.03
N ASN B 83 -18.54 -2.62 7.74
CA ASN B 83 -17.34 -1.83 7.75
C ASN B 83 -17.33 -0.76 6.66
N TYR B 84 -17.96 -1.05 5.53
CA TYR B 84 -18.02 -0.02 4.50
C TYR B 84 -18.76 1.22 5.05
N GLY B 85 -19.86 0.99 5.78
CA GLY B 85 -20.65 2.10 6.32
C GLY B 85 -19.84 2.84 7.37
N VAL B 86 -19.07 2.10 8.17
CA VAL B 86 -18.25 2.78 9.20
C VAL B 86 -17.19 3.64 8.55
N GLY B 87 -16.54 3.13 7.49
CA GLY B 87 -15.41 3.84 6.96
C GLY B 87 -15.71 4.83 5.84
N GLU B 88 -16.94 4.82 5.31
CA GLU B 88 -17.24 5.57 4.09
C GLU B 88 -16.76 7.04 4.14
N SER B 89 -17.03 7.74 5.25
CA SER B 89 -16.82 9.20 5.30
C SER B 89 -15.34 9.54 5.15
N PHE B 90 -14.43 8.64 5.56
CA PHE B 90 -13.02 9.02 5.57
C PHE B 90 -12.17 8.21 4.60
N THR B 91 -12.81 7.35 3.78
CA THR B 91 -12.12 6.52 2.79
C THR B 91 -12.74 6.76 1.43
N VAL B 92 -13.91 6.17 1.18
CA VAL B 92 -14.64 6.36 -0.06
C VAL B 92 -14.78 7.85 -0.39
N GLN B 93 -15.10 8.66 0.62
CA GLN B 93 -15.39 10.06 0.38
C GLN B 93 -14.23 11.02 0.64
N ARG B 94 -13.04 10.47 0.89
CA ARG B 94 -11.86 11.31 1.11
C ARG B 94 -11.48 12.07 -0.16
N ARG B 95 -11.24 13.37 -0.03
N ARG B 95 -11.23 13.37 0.00
CA ARG B 95 -10.78 14.18 -1.17
CA ARG B 95 -10.82 14.24 -1.09
C ARG B 95 -9.73 15.15 -0.70
C ARG B 95 -9.68 15.09 -0.59
N VAL B 96 -8.55 15.08 -1.29
CA VAL B 96 -7.46 15.99 -0.97
C VAL B 96 -6.96 16.58 -2.29
N GLU B 97 -6.96 17.91 -2.40
CA GLU B 97 -6.62 18.57 -3.65
C GLU B 97 -5.12 18.46 -4.00
N PRO B 98 -4.79 18.23 -5.27
CA PRO B 98 -3.38 18.21 -5.67
C PRO B 98 -2.73 19.58 -5.60
N LYS B 99 -1.45 19.58 -5.30
CA LYS B 99 -0.58 20.73 -5.48
C LYS B 99 0.17 20.51 -6.76
N VAL B 100 0.30 21.54 -7.59
CA VAL B 100 0.92 21.41 -8.90
C VAL B 100 2.12 22.31 -8.94
N THR B 101 3.27 21.79 -9.36
CA THR B 101 4.52 22.56 -9.47
C THR B 101 5.12 22.28 -10.81
N VAL B 102 5.53 23.33 -11.53
CA VAL B 102 6.21 23.10 -12.80
C VAL B 102 7.65 23.62 -12.72
N TYR B 103 8.63 22.82 -13.15
CA TYR B 103 10.03 23.24 -13.08
C TYR B 103 10.80 22.54 -14.19
N PRO B 104 11.91 23.15 -14.68
CA PRO B 104 12.78 22.50 -15.69
C PRO B 104 13.68 21.42 -15.08
N SER B 105 13.95 20.36 -15.82
CA SER B 105 14.91 19.35 -15.39
C SER B 105 15.83 18.87 -16.53
N LEU B 115 13.85 19.17 -20.51
CA LEU B 115 12.63 18.69 -19.87
C LEU B 115 11.91 19.75 -19.05
N LEU B 116 10.58 19.75 -19.13
CA LEU B 116 9.75 20.48 -18.15
C LEU B 116 8.98 19.44 -17.33
N VAL B 117 9.00 19.58 -16.02
CA VAL B 117 8.38 18.61 -15.14
C VAL B 117 7.15 19.23 -14.55
N CYS B 118 6.02 18.52 -14.68
CA CYS B 118 4.84 18.88 -13.93
C CYS B 118 4.69 17.89 -12.78
N SER B 119 4.94 18.37 -11.56
CA SER B 119 4.84 17.54 -10.37
C SER B 119 3.49 17.76 -9.73
N VAL B 120 2.72 16.70 -9.57
CA VAL B 120 1.38 16.80 -9.01
C VAL B 120 1.38 15.96 -7.70
N SER B 121 1.20 16.62 -6.55
CA SER B 121 1.44 15.92 -5.29
C SER B 121 0.35 16.11 -4.30
N GLY B 122 0.34 15.21 -3.33
CA GLY B 122 -0.47 15.33 -2.15
C GLY B 122 -1.95 15.01 -2.31
N PHE B 123 -2.36 14.34 -3.38
CA PHE B 123 -3.79 14.26 -3.71
C PHE B 123 -4.43 12.91 -3.37
N TYR B 124 -5.76 12.92 -3.27
CA TYR B 124 -6.50 11.71 -2.98
C TYR B 124 -7.90 11.98 -3.52
N PRO B 125 -8.55 11.02 -4.20
CA PRO B 125 -8.11 9.67 -4.57
C PRO B 125 -7.11 9.72 -5.74
N GLY B 126 -6.77 8.54 -6.26
CA GLY B 126 -5.69 8.42 -7.23
C GLY B 126 -6.04 8.81 -8.64
N SER B 127 -7.29 8.79 -9.03
CA SER B 127 -7.62 9.06 -10.42
C SER B 127 -7.37 10.54 -10.72
N ILE B 128 -6.60 10.80 -11.76
CA ILE B 128 -6.21 12.17 -12.08
C ILE B 128 -5.89 12.21 -13.55
N GLU B 129 -6.00 13.40 -14.13
CA GLU B 129 -5.57 13.60 -15.52
C GLU B 129 -4.68 14.81 -15.57
N VAL B 130 -3.51 14.62 -16.14
CA VAL B 130 -2.51 15.67 -16.26
C VAL B 130 -2.20 15.86 -17.74
N ARG B 131 -2.30 17.09 -18.21
CA ARG B 131 -2.11 17.40 -19.62
C ARG B 131 -1.18 18.58 -19.79
N TRP B 132 -0.35 18.48 -20.81
CA TRP B 132 0.52 19.60 -21.20
C TRP B 132 -0.05 20.38 -22.37
N PHE B 133 0.08 21.70 -22.31
CA PHE B 133 -0.25 22.59 -23.43
C PHE B 133 0.94 23.43 -23.78
N ARG B 134 1.08 23.70 -25.07
N ARG B 134 1.11 23.67 -25.08
CA ARG B 134 2.10 24.62 -25.57
CA ARG B 134 2.10 24.64 -25.54
C ARG B 134 1.42 25.72 -26.36
C ARG B 134 1.41 25.72 -26.34
N ASN B 135 1.55 26.95 -25.89
CA ASN B 135 0.84 28.10 -26.46
C ASN B 135 -0.65 27.80 -26.71
N GLY B 136 -1.32 27.18 -25.74
CA GLY B 136 -2.74 26.91 -25.86
C GLY B 136 -3.10 25.60 -26.55
N GLN B 137 -2.12 24.95 -27.18
CA GLN B 137 -2.45 23.72 -27.90
C GLN B 137 -1.94 22.51 -27.13
N GLU B 138 -2.78 21.50 -27.02
CA GLU B 138 -2.36 20.35 -26.21
C GLU B 138 -1.20 19.64 -26.86
N GLU B 139 -0.23 19.25 -26.04
CA GLU B 139 0.91 18.52 -26.54
C GLU B 139 0.91 17.11 -25.96
N LYS B 140 0.78 16.09 -26.82
CA LYS B 140 0.84 14.69 -26.33
C LYS B 140 2.13 14.00 -26.69
N ALA B 141 2.98 14.66 -27.51
CA ALA B 141 4.26 14.05 -27.90
C ALA B 141 5.37 14.46 -26.96
N GLY B 142 6.34 13.59 -26.75
CA GLY B 142 7.44 13.91 -25.88
C GLY B 142 6.99 13.94 -24.42
N VAL B 143 5.94 13.21 -24.08
CA VAL B 143 5.46 13.15 -22.69
C VAL B 143 5.82 11.82 -22.02
N VAL B 144 6.38 11.90 -20.82
CA VAL B 144 6.78 10.70 -20.09
C VAL B 144 6.31 10.84 -18.66
N SER B 145 5.67 9.80 -18.15
CA SER B 145 5.06 9.90 -16.83
C SER B 145 5.53 8.79 -15.97
N THR B 146 5.60 9.10 -14.67
CA THR B 146 5.87 8.13 -13.63
C THR B 146 4.71 7.19 -13.42
N GLY B 147 3.56 7.59 -13.92
CA GLY B 147 2.33 6.99 -13.50
C GLY B 147 2.03 7.39 -12.07
N LEU B 148 1.06 6.71 -11.52
CA LEU B 148 0.54 7.03 -10.22
C LEU B 148 1.39 6.40 -9.12
N ILE B 149 1.82 7.19 -8.14
N ILE B 149 1.81 7.21 -8.15
CA ILE B 149 2.63 6.68 -7.04
CA ILE B 149 2.62 6.79 -7.03
C ILE B 149 1.89 6.88 -5.74
C ILE B 149 1.82 6.89 -5.75
N GLN B 150 1.65 5.80 -5.00
CA GLN B 150 1.01 5.84 -3.72
C GLN B 150 2.08 6.11 -2.65
N ASN B 151 1.93 7.17 -1.85
CA ASN B 151 2.97 7.55 -0.88
C ASN B 151 2.92 6.80 0.44
N GLY B 152 1.84 6.03 0.67
CA GLY B 152 1.67 5.23 1.87
C GLY B 152 0.94 5.96 3.01
N ASP B 153 0.62 7.24 2.83
CA ASP B 153 0.03 8.09 3.88
C ASP B 153 -1.32 8.66 3.39
N TRP B 154 -2.01 7.94 2.52
CA TRP B 154 -3.30 8.37 1.96
C TRP B 154 -3.16 9.60 1.05
N THR B 155 -2.01 9.71 0.40
CA THR B 155 -1.82 10.66 -0.68
C THR B 155 -1.10 9.99 -1.81
N PHE B 156 -1.25 10.56 -2.99
CA PHE B 156 -0.59 10.13 -4.21
C PHE B 156 0.26 11.25 -4.78
N GLN B 157 1.17 10.87 -5.68
CA GLN B 157 1.84 11.87 -6.53
C GLN B 157 2.00 11.31 -7.91
N THR B 158 2.31 12.21 -8.84
CA THR B 158 2.72 11.78 -10.18
C THR B 158 3.57 12.88 -10.77
N LEU B 159 4.51 12.49 -11.59
CA LEU B 159 5.34 13.47 -12.28
C LEU B 159 5.19 13.22 -13.75
N VAL B 160 4.85 14.27 -14.49
CA VAL B 160 4.64 14.18 -15.93
C VAL B 160 5.63 15.15 -16.61
N MET B 161 6.52 14.59 -17.42
N MET B 161 6.53 14.59 -17.40
CA MET B 161 7.61 15.34 -18.03
CA MET B 161 7.64 15.30 -18.03
C MET B 161 7.32 15.60 -19.47
C MET B 161 7.32 15.59 -19.47
N LEU B 162 7.65 16.80 -19.93
CA LEU B 162 7.52 17.16 -21.33
C LEU B 162 8.91 17.46 -21.93
N GLU B 163 9.30 16.70 -22.95
CA GLU B 163 10.57 16.94 -23.66
C GLU B 163 10.30 18.03 -24.66
N THR B 164 10.92 19.19 -24.52
CA THR B 164 10.57 20.21 -25.49
C THR B 164 11.72 21.18 -25.75
N VAL B 165 11.67 21.82 -26.92
CA VAL B 165 12.67 22.78 -27.33
C VAL B 165 12.19 24.16 -26.90
N PRO B 166 12.48 24.54 -25.63
CA PRO B 166 11.81 25.76 -25.19
C PRO B 166 12.51 26.97 -25.79
N ARG B 167 11.82 27.50 -26.78
CA ARG B 167 12.02 28.74 -27.49
C ARG B 167 11.88 29.99 -26.59
N SER B 168 12.19 31.19 -27.11
CA SER B 168 11.74 32.42 -26.46
C SER B 168 10.33 32.76 -26.91
N GLY B 169 9.51 33.28 -26.01
CA GLY B 169 8.13 33.59 -26.39
C GLY B 169 7.18 32.44 -26.11
N GLU B 170 7.71 31.24 -25.87
CA GLU B 170 6.82 30.12 -25.60
C GLU B 170 6.23 30.15 -24.19
N VAL B 171 5.02 29.65 -24.10
CA VAL B 171 4.32 29.55 -22.82
C VAL B 171 3.72 28.15 -22.70
N TYR B 172 4.16 27.44 -21.66
CA TYR B 172 3.68 26.08 -21.42
C TYR B 172 2.69 26.05 -20.26
N THR B 173 1.67 25.20 -20.36
CA THR B 173 0.75 25.08 -19.24
C THR B 173 0.58 23.61 -18.89
N CYS B 174 0.68 23.29 -17.59
CA CYS B 174 0.31 21.99 -17.06
C CYS B 174 -1.10 22.12 -16.49
N GLN B 175 -2.00 21.26 -16.95
CA GLN B 175 -3.42 21.28 -16.52
C GLN B 175 -3.77 20.01 -15.83
N VAL B 176 -4.43 20.12 -14.69
CA VAL B 176 -4.75 18.96 -13.85
C VAL B 176 -6.25 18.91 -13.58
N GLU B 177 -6.88 17.77 -13.87
CA GLU B 177 -8.27 17.55 -13.46
C GLU B 177 -8.32 16.39 -12.48
N HIS B 178 -9.14 16.52 -11.44
CA HIS B 178 -9.13 15.62 -10.29
C HIS B 178 -10.48 15.79 -9.61
N PRO B 179 -11.02 14.75 -8.97
CA PRO B 179 -12.38 14.91 -8.42
C PRO B 179 -12.49 15.96 -7.31
N SER B 180 -11.36 16.36 -6.70
CA SER B 180 -11.39 17.37 -5.64
C SER B 180 -11.65 18.80 -6.16
N VAL B 181 -11.62 19.01 -7.47
CA VAL B 181 -11.88 20.33 -8.06
C VAL B 181 -12.87 20.23 -9.23
N THR B 182 -13.68 21.28 -9.42
CA THR B 182 -14.68 21.23 -10.51
C THR B 182 -14.21 21.97 -11.76
N SER B 183 -13.09 22.64 -11.64
CA SER B 183 -12.45 23.30 -12.75
C SER B 183 -10.95 22.97 -12.75
N PRO B 184 -10.32 22.84 -13.93
CA PRO B 184 -8.91 22.42 -13.96
C PRO B 184 -7.98 23.33 -13.17
N LEU B 185 -7.00 22.75 -12.50
CA LEU B 185 -5.89 23.49 -11.94
C LEU B 185 -4.90 23.70 -13.05
N THR B 186 -4.43 24.93 -13.21
CA THR B 186 -3.40 25.16 -14.22
C THR B 186 -2.18 25.85 -13.65
N VAL B 187 -1.01 25.50 -14.18
CA VAL B 187 0.23 26.18 -13.83
C VAL B 187 0.95 26.49 -15.11
N GLU B 188 1.31 27.77 -15.27
N GLU B 188 1.27 27.77 -15.29
CA GLU B 188 1.99 28.25 -16.47
CA GLU B 188 1.98 28.24 -16.49
C GLU B 188 3.48 28.43 -16.24
C GLU B 188 3.48 28.35 -16.22
N TRP B 189 4.28 28.04 -17.23
CA TRP B 189 5.73 28.23 -17.16
C TRP B 189 6.16 28.92 -18.45
N ARG B 190 6.92 30.00 -18.36
CA ARG B 190 7.34 30.72 -19.56
C ARG B 190 8.83 30.68 -19.77
N ALA B 191 9.26 30.47 -21.00
CA ALA B 191 10.66 30.70 -21.30
C ALA B 191 11.01 32.19 -21.24
N ARG B 192 12.29 32.50 -21.24
CA ARG B 192 12.74 33.88 -21.22
C ARG B 192 12.10 34.65 -22.39
N SER B 193 11.76 35.92 -22.17
CA SER B 193 11.36 36.81 -23.27
C SER B 193 12.61 37.11 -24.12
N GLU B 194 12.50 37.09 -25.45
CA GLU B 194 13.58 37.66 -26.25
C GLU B 194 13.30 39.15 -26.52
N SER B 195 12.34 39.46 -27.38
CA SER B 195 11.99 40.85 -27.63
C SER B 195 10.51 41.04 -27.36
N ALA B 196 10.15 42.16 -26.74
CA ALA B 196 8.77 42.48 -26.43
C ALA B 196 8.47 43.88 -26.98
N GLN B 197 7.26 44.12 -27.49
CA GLN B 197 6.93 45.40 -28.12
C GLN B 197 5.57 45.94 -27.67
N SER B 198 5.40 47.25 -27.77
CA SER B 198 4.12 47.89 -27.55
C SER B 198 3.21 47.52 -28.75
N LYS B 199 1.90 47.68 -28.59
CA LYS B 199 1.05 47.68 -29.77
C LYS B 199 -0.13 48.63 -29.57
N VAL C 3 -19.15 6.44 18.98
CA VAL C 3 -18.31 6.17 17.81
C VAL C 3 -18.50 4.72 17.33
N SER C 4 -18.62 4.55 16.00
CA SER C 4 -18.96 3.25 15.41
C SER C 4 -17.82 2.26 15.57
N LYS C 5 -18.19 1.00 15.76
CA LYS C 5 -17.21 -0.06 15.97
C LYS C 5 -16.89 -0.78 14.67
N TRP C 6 -15.59 -0.81 14.31
CA TRP C 6 -15.12 -1.59 13.18
C TRP C 6 -15.14 -3.09 13.55
N ARG C 7 -15.52 -3.94 12.60
CA ARG C 7 -15.63 -5.39 12.88
C ARG C 7 -14.50 -6.22 12.20
N MET C 8 -14.18 -7.37 12.77
N MET C 8 -14.17 -7.35 12.81
CA MET C 8 -13.23 -8.25 12.17
CA MET C 8 -13.24 -8.30 12.22
C MET C 8 -13.84 -9.61 11.93
C MET C 8 -13.95 -9.57 11.80
N ALA C 9 -13.26 -10.34 10.97
CA ALA C 9 -13.62 -11.74 10.74
C ALA C 9 -12.55 -12.62 11.43
N THR C 10 -12.95 -13.80 11.87
CA THR C 10 -12.05 -14.70 12.60
C THR C 10 -11.79 -15.98 11.83
N PRO C 11 -10.53 -16.29 11.55
CA PRO C 11 -10.19 -17.54 10.84
C PRO C 11 -10.48 -18.78 11.70
N LEU C 12 -10.60 -19.91 11.04
CA LEU C 12 -10.88 -21.15 11.74
C LEU C 12 -9.60 -21.91 12.08
N LEU C 13 -9.59 -22.64 13.20
CA LEU C 13 -8.51 -23.58 13.51
C LEU C 13 -8.53 -24.77 12.58
N MET C 14 -7.37 -25.15 12.07
CA MET C 14 -7.22 -26.46 11.42
C MET C 14 -7.34 -27.62 12.39
N GLN C 15 -7.64 -28.78 11.85
CA GLN C 15 -7.72 -30.01 12.64
C GLN C 15 -6.32 -30.37 13.17
N ALA C 16 -6.21 -30.70 14.46
CA ALA C 16 -4.96 -30.97 15.10
C ALA C 16 -4.67 -32.44 15.22
N LEU C 17 -5.62 -33.30 14.85
CA LEU C 17 -5.43 -34.78 14.97
C LEU C 17 -6.11 -35.59 13.83
#